data_6ZHM
#
_entry.id   6ZHM
#
_cell.length_a   50.240
_cell.length_b   66.970
_cell.length_c   113.360
_cell.angle_alpha   90.000
_cell.angle_beta   90.000
_cell.angle_gamma   90.000
#
_symmetry.space_group_name_H-M   'P 21 21 21'
#
loop_
_entity.id
_entity.type
_entity.pdbx_description
1 polymer 'Small ribosomal subunit biogenesis GTPase RsgA'
2 non-polymer "GUANOSINE-5'-DIPHOSPHATE"
3 non-polymer 'ZINC ION'
4 non-polymer 'TRIETHYLENE GLYCOL'
5 non-polymer 1,2-ETHANEDIOL
6 water water
#
_entity_poly.entity_id   1
_entity_poly.type   'polypeptide(L)'
_entity_poly.pdbx_seq_one_letter_code
;MGSSHHHHHHSSGLVPRGSHMKTGRIVKSISGVYQVDVNGERFNTKPRGLFRKKKFSPVVGDIVEFEVQNINEGYIHQVF
ERENELKRPPVSNIDTLVIVMSAVEPNFSTQLLDRFLVIAHSYQLNARILVTKKDKTPIEKQFEINELLKIYENIGYETE
FIGNDDDRKKIVEAWPAGLIVLSGQSGVGKSTFLNHYRPELNLETNDISKSLNRGKHTTRHVELFERQNGYIADTPGFSA
LDFDHIDKDEIKDYFLELNRYGETCKFRNCNHIKEPNCNVKHQLEIGNIAQFRYDHYLQLFNEISNRKVRY
;
_entity_poly.pdbx_strand_id   A
#
# COMPACT_ATOMS: atom_id res chain seq x y z
N MET A 21 -0.12 12.89 28.20
CA MET A 21 -1.16 13.95 28.29
C MET A 21 -2.06 13.95 27.03
N LYS A 22 -1.56 13.94 25.80
CA LYS A 22 -2.44 13.68 24.61
C LYS A 22 -1.84 12.63 23.66
N THR A 23 -2.74 11.92 22.95
CA THR A 23 -2.41 10.86 21.96
C THR A 23 -2.96 11.22 20.58
N GLY A 24 -2.10 11.18 19.55
CA GLY A 24 -2.54 11.53 18.19
C GLY A 24 -1.61 11.03 17.11
N ARG A 25 -1.96 11.35 15.86
CA ARG A 25 -1.20 10.95 14.67
C ARG A 25 -0.38 12.12 14.15
N ILE A 26 0.88 11.89 13.80
CA ILE A 26 1.76 12.91 13.16
C ILE A 26 1.33 13.00 11.69
N VAL A 27 0.79 14.14 11.25
CA VAL A 27 0.35 14.42 9.83
C VAL A 27 1.39 15.30 9.11
N LYS A 28 2.28 16.01 9.82
CA LYS A 28 3.39 16.80 9.17
C LYS A 28 4.67 16.76 10.01
N SER A 29 5.82 16.71 9.34
CA SER A 29 7.20 16.91 9.86
C SER A 29 7.93 18.00 9.04
N ILE A 30 8.28 19.13 9.67
CA ILE A 30 8.93 20.32 9.03
C ILE A 30 10.12 20.76 9.90
N SER A 31 11.35 20.38 9.49
CA SER A 31 12.64 20.68 10.14
C SER A 31 12.64 20.30 11.62
N GLY A 32 12.23 19.06 11.95
CA GLY A 32 12.21 18.53 13.32
C GLY A 32 11.06 19.04 14.17
N VAL A 33 10.08 19.73 13.60
CA VAL A 33 8.79 20.04 14.29
C VAL A 33 7.73 19.05 13.78
N TYR A 34 7.00 18.39 14.68
CA TYR A 34 6.04 17.34 14.26
C TYR A 34 4.65 17.80 14.60
N GLN A 35 3.86 18.11 13.58
CA GLN A 35 2.43 18.48 13.74
C GLN A 35 1.61 17.22 14.00
N VAL A 36 0.89 17.21 15.11
CA VAL A 36 0.11 16.05 15.61
C VAL A 36 -1.37 16.44 15.54
N ASP A 37 -2.16 15.64 14.83
CA ASP A 37 -3.62 15.82 14.74
C ASP A 37 -4.22 15.08 15.91
N VAL A 38 -5.00 15.80 16.74
CA VAL A 38 -5.79 15.18 17.82
C VAL A 38 -7.25 15.45 17.51
N ASN A 39 -7.90 14.50 16.82
CA ASN A 39 -9.32 14.56 16.38
C ASN A 39 -9.60 15.94 15.81
N GLY A 40 -8.82 16.37 14.81
CA GLY A 40 -8.97 17.68 14.17
C GLY A 40 -8.03 18.74 14.75
N GLU A 41 -7.68 18.64 16.01
CA GLU A 41 -6.82 19.60 16.66
C GLU A 41 -5.35 19.42 16.32
N ARG A 42 -4.69 20.49 15.92
CA ARG A 42 -3.28 20.45 15.49
C ARG A 42 -2.35 20.99 16.59
N PHE A 43 -1.23 20.32 16.81
CA PHE A 43 -0.19 20.70 17.81
C PHE A 43 1.17 20.60 17.14
N ASN A 44 1.98 21.65 17.21
CA ASN A 44 3.40 21.61 16.77
C ASN A 44 4.26 21.17 17.98
N THR A 45 4.94 20.04 17.81
CA THR A 45 5.64 19.33 18.91
C THR A 45 7.07 19.01 18.53
N LYS A 46 7.89 18.73 19.56
CA LYS A 46 9.28 18.32 19.38
C LYS A 46 9.47 17.05 20.20
N PRO A 47 10.32 16.13 19.71
CA PRO A 47 10.66 14.94 20.49
C PRO A 47 11.67 15.18 21.63
N ARG A 48 11.59 14.31 22.65
CA ARG A 48 12.49 14.23 23.82
C ARG A 48 12.82 12.74 24.07
N GLY A 49 13.79 12.47 24.96
CA GLY A 49 14.21 11.10 25.29
C GLY A 49 14.81 10.43 24.08
N LEU A 50 14.67 9.11 23.95
CA LEU A 50 15.10 8.27 22.78
C LEU A 50 14.79 9.00 21.47
N PHE A 51 13.63 9.67 21.38
CA PHE A 51 12.98 10.12 20.11
C PHE A 51 13.71 11.34 19.54
N ARG A 52 14.69 11.87 20.29
CA ARG A 52 15.63 12.90 19.79
C ARG A 52 16.74 12.25 18.94
N LYS A 53 17.01 10.96 19.15
CA LYS A 53 18.07 10.25 18.39
C LYS A 53 17.54 9.78 17.05
N LYS A 54 18.43 9.72 16.07
CA LYS A 54 18.05 9.30 14.72
C LYS A 54 17.56 7.85 14.71
N LYS A 55 17.99 6.98 15.63
CA LYS A 55 17.56 5.58 15.38
C LYS A 55 16.11 5.41 15.89
N PHE A 56 15.49 6.49 16.39
CA PHE A 56 14.13 6.46 16.98
C PHE A 56 13.34 7.71 16.58
N SER A 57 13.79 8.42 15.57
CA SER A 57 13.16 9.63 15.14
C SER A 57 11.72 9.44 14.70
N PRO A 58 10.80 10.30 15.13
CA PRO A 58 9.42 10.25 14.69
C PRO A 58 9.31 10.44 13.17
N VAL A 59 8.28 9.79 12.63
CA VAL A 59 7.93 9.76 11.18
C VAL A 59 6.48 10.22 11.06
N VAL A 60 6.08 10.81 9.94
CA VAL A 60 4.66 11.11 9.63
C VAL A 60 3.93 9.75 9.64
N GLY A 61 2.72 9.73 10.22
CA GLY A 61 1.88 8.53 10.47
C GLY A 61 2.08 7.89 11.84
N ASP A 62 3.11 8.31 12.62
CA ASP A 62 3.41 7.73 13.96
C ASP A 62 2.24 8.05 14.88
N ILE A 63 1.90 7.13 15.77
CA ILE A 63 0.93 7.50 16.82
C ILE A 63 1.81 7.87 18.01
N VAL A 64 1.56 9.03 18.62
CA VAL A 64 2.48 9.57 19.67
C VAL A 64 1.69 10.00 20.91
N GLU A 65 2.35 9.95 22.06
CA GLU A 65 1.87 10.58 23.32
C GLU A 65 2.76 11.80 23.52
N PHE A 66 2.15 12.96 23.67
CA PHE A 66 2.89 14.24 23.81
C PHE A 66 2.29 15.04 24.96
N GLU A 67 3.14 15.92 25.51
CA GLU A 67 2.79 16.82 26.64
C GLU A 67 2.45 18.18 26.05
N VAL A 68 1.26 18.68 26.37
CA VAL A 68 0.74 19.96 25.84
C VAL A 68 1.48 21.09 26.55
N GLN A 69 1.95 22.05 25.77
CA GLN A 69 2.55 23.34 26.19
C GLN A 69 1.97 24.44 25.29
N ASN A 70 1.93 25.69 25.79
CA ASN A 70 1.59 26.92 25.00
C ASN A 70 0.28 26.72 24.23
N ILE A 71 -0.66 25.94 24.76
CA ILE A 71 -2.02 25.70 24.16
C ILE A 71 -1.94 24.73 22.96
N ASN A 72 -1.09 24.99 21.95
CA ASN A 72 -1.10 24.26 20.65
C ASN A 72 0.31 23.76 20.31
N GLU A 73 1.14 23.47 21.31
CA GLU A 73 2.54 23.02 21.13
C GLU A 73 2.75 21.86 22.09
N GLY A 74 3.93 21.25 22.13
CA GLY A 74 4.09 20.08 22.99
C GLY A 74 5.37 19.33 22.74
N TYR A 75 5.68 18.42 23.66
CA TYR A 75 6.87 17.54 23.64
C TYR A 75 6.40 16.10 23.47
N ILE A 76 6.87 15.42 22.43
CA ILE A 76 6.64 13.97 22.23
C ILE A 76 7.48 13.21 23.23
N HIS A 77 6.79 12.49 24.12
CA HIS A 77 7.34 11.60 25.18
C HIS A 77 7.43 10.13 24.72
N GLN A 78 6.42 9.66 23.96
CA GLN A 78 6.31 8.25 23.49
C GLN A 78 5.91 8.25 22.02
N VAL A 79 6.59 7.45 21.20
CA VAL A 79 6.15 7.05 19.84
C VAL A 79 5.74 5.60 20.00
N PHE A 80 4.49 5.24 19.74
CA PHE A 80 4.02 3.84 19.85
C PHE A 80 4.70 3.01 18.74
N GLU A 81 4.87 1.73 19.06
CA GLU A 81 5.50 0.71 18.16
C GLU A 81 4.81 0.80 16.80
N ARG A 82 5.58 0.91 15.73
CA ARG A 82 5.04 1.00 14.35
C ARG A 82 4.50 -0.37 13.92
N GLU A 83 3.25 -0.41 13.49
CA GLU A 83 2.65 -1.59 12.94
C GLU A 83 3.29 -1.87 11.58
N ASN A 84 3.66 -0.84 10.84
CA ASN A 84 4.28 -0.99 9.49
C ASN A 84 4.97 0.32 9.15
N GLU A 85 5.91 0.30 8.23
CA GLU A 85 6.49 1.60 7.78
C GLU A 85 7.13 1.47 6.41
N LEU A 86 6.93 2.49 5.57
CA LEU A 86 7.72 2.72 4.32
C LEU A 86 8.93 3.58 4.68
N LYS A 87 10.06 3.32 4.07
CA LYS A 87 11.28 4.13 4.25
C LYS A 87 11.20 5.30 3.26
N ARG A 88 10.88 5.05 1.99
CA ARG A 88 10.81 6.15 0.98
C ARG A 88 9.43 6.16 0.36
N PRO A 89 8.62 7.22 0.58
CA PRO A 89 8.86 8.18 1.65
C PRO A 89 8.71 7.55 3.04
N PRO A 90 9.35 8.15 4.06
CA PRO A 90 9.22 7.65 5.43
C PRO A 90 7.78 7.93 5.90
N VAL A 91 6.97 6.89 6.03
CA VAL A 91 5.60 7.05 6.57
C VAL A 91 5.22 5.71 7.22
N SER A 92 4.59 5.78 8.39
CA SER A 92 4.26 4.63 9.27
C SER A 92 2.75 4.47 9.45
N ASN A 93 2.34 3.26 9.88
CA ASN A 93 0.96 2.92 10.33
C ASN A 93 -0.07 3.22 9.24
N ILE A 94 0.17 2.71 8.03
CA ILE A 94 -0.77 2.75 6.87
C ILE A 94 -1.80 1.66 7.11
N ASP A 95 -3.10 2.01 7.07
CA ASP A 95 -4.22 1.08 7.22
C ASP A 95 -4.57 0.42 5.87
N THR A 96 -4.51 1.14 4.76
CA THR A 96 -4.75 0.54 3.40
C THR A 96 -3.82 1.19 2.36
N LEU A 97 -3.06 0.36 1.65
CA LEU A 97 -2.33 0.76 0.45
C LEU A 97 -3.26 0.62 -0.76
N VAL A 98 -3.66 1.75 -1.35
CA VAL A 98 -4.44 1.70 -2.61
C VAL A 98 -3.46 1.73 -3.79
N ILE A 99 -3.27 0.58 -4.44
CA ILE A 99 -2.52 0.44 -5.71
C ILE A 99 -3.37 0.98 -6.88
N VAL A 100 -2.85 2.04 -7.49
CA VAL A 100 -3.57 2.79 -8.55
C VAL A 100 -2.92 2.47 -9.90
N MET A 101 -3.71 1.90 -10.81
CA MET A 101 -3.28 1.46 -12.16
C MET A 101 -4.21 2.11 -13.20
N SER A 102 -3.66 2.58 -14.32
CA SER A 102 -4.46 3.12 -15.44
C SER A 102 -4.97 1.91 -16.24
N ALA A 103 -6.19 1.96 -16.79
CA ALA A 103 -6.63 0.96 -17.78
C ALA A 103 -5.89 1.16 -19.12
N VAL A 104 -5.60 2.41 -19.49
CA VAL A 104 -4.91 2.83 -20.74
C VAL A 104 -3.99 4.01 -20.37
N GLU A 105 -2.94 4.26 -21.17
CA GLU A 105 -2.03 5.44 -21.04
C GLU A 105 -1.40 5.51 -19.64
N PRO A 106 -0.61 4.49 -19.24
CA PRO A 106 -0.41 3.28 -20.01
C PRO A 106 -1.45 2.16 -19.79
N ASN A 107 -1.32 1.17 -20.64
CA ASN A 107 -2.13 -0.07 -20.67
C ASN A 107 -2.01 -0.81 -19.32
N PHE A 108 -3.14 -1.26 -18.79
CA PHE A 108 -3.19 -2.16 -17.61
C PHE A 108 -2.22 -3.33 -17.79
N SER A 109 -1.44 -3.65 -16.75
CA SER A 109 -0.39 -4.69 -16.74
C SER A 109 -0.48 -5.52 -15.43
N THR A 110 -0.87 -6.77 -15.52
CA THR A 110 -0.90 -7.70 -14.37
C THR A 110 0.53 -7.96 -13.89
N GLN A 111 1.51 -7.94 -14.79
CA GLN A 111 2.97 -7.98 -14.48
C GLN A 111 3.36 -6.83 -13.51
N LEU A 112 2.98 -5.59 -13.82
CA LEU A 112 3.25 -4.45 -12.91
C LEU A 112 2.42 -4.60 -11.64
N LEU A 113 1.13 -4.96 -11.75
CA LEU A 113 0.23 -5.09 -10.57
C LEU A 113 0.73 -6.17 -9.60
N ASP A 114 1.03 -7.37 -10.08
CA ASP A 114 1.58 -8.46 -9.25
C ASP A 114 2.82 -7.93 -8.51
N ARG A 115 3.69 -7.15 -9.16
CA ARG A 115 4.95 -6.63 -8.56
C ARG A 115 4.63 -5.65 -7.43
N PHE A 116 3.72 -4.72 -7.67
CA PHE A 116 3.24 -3.77 -6.62
C PHE A 116 2.61 -4.52 -5.44
N LEU A 117 1.83 -5.58 -5.64
CA LEU A 117 1.25 -6.37 -4.52
C LEU A 117 2.34 -7.08 -3.71
N VAL A 118 3.31 -7.71 -4.37
CA VAL A 118 4.49 -8.28 -3.68
C VAL A 118 5.12 -7.20 -2.76
N ILE A 119 5.31 -5.98 -3.25
CA ILE A 119 6.06 -4.95 -2.48
C ILE A 119 5.19 -4.64 -1.27
N ALA A 120 3.93 -4.33 -1.56
CA ALA A 120 2.87 -4.03 -0.56
C ALA A 120 2.94 -5.06 0.58
N HIS A 121 2.75 -6.33 0.29
CA HIS A 121 2.70 -7.35 1.37
C HIS A 121 4.08 -7.48 2.03
N SER A 122 5.18 -7.28 1.31
CA SER A 122 6.51 -7.37 1.95
C SER A 122 6.60 -6.29 3.05
N TYR A 123 5.82 -5.20 2.97
CA TYR A 123 5.81 -4.10 3.99
C TYR A 123 4.68 -4.32 4.98
N GLN A 124 3.98 -5.45 4.87
CA GLN A 124 2.93 -5.92 5.79
C GLN A 124 1.70 -5.04 5.64
N LEU A 125 1.45 -4.52 4.43
CA LEU A 125 0.31 -3.62 4.17
C LEU A 125 -0.91 -4.40 3.68
N ASN A 126 -2.09 -4.01 4.15
CA ASN A 126 -3.40 -4.21 3.46
C ASN A 126 -3.32 -3.48 2.09
N ALA A 127 -3.73 -4.13 1.02
CA ALA A 127 -3.73 -3.54 -0.33
C ALA A 127 -5.12 -3.74 -0.92
N ARG A 128 -5.57 -2.76 -1.69
CA ARG A 128 -6.73 -2.83 -2.58
C ARG A 128 -6.29 -2.20 -3.90
N ILE A 129 -7.13 -2.41 -4.92
CA ILE A 129 -6.76 -2.19 -6.35
C ILE A 129 -7.74 -1.18 -6.93
N LEU A 130 -7.20 -0.10 -7.49
CA LEU A 130 -7.99 0.99 -8.13
C LEU A 130 -7.52 1.16 -9.58
N VAL A 131 -8.40 0.89 -10.54
CA VAL A 131 -8.06 1.08 -11.98
C VAL A 131 -8.75 2.36 -12.45
N THR A 132 -7.99 3.23 -13.11
CA THR A 132 -8.46 4.56 -13.56
C THR A 132 -8.69 4.58 -15.08
N LYS A 133 -9.32 5.65 -15.58
CA LYS A 133 -9.37 5.99 -17.03
C LYS A 133 -10.36 5.07 -17.75
N LYS A 134 -11.32 4.52 -17.00
CA LYS A 134 -12.42 3.70 -17.56
C LYS A 134 -13.09 4.44 -18.74
N ASP A 135 -13.35 5.74 -18.58
CA ASP A 135 -14.11 6.56 -19.56
C ASP A 135 -13.37 6.62 -20.90
N LYS A 136 -12.07 6.36 -20.95
CA LYS A 136 -11.37 6.33 -22.26
C LYS A 136 -10.83 4.94 -22.56
N THR A 137 -11.37 3.90 -21.89
CA THR A 137 -10.99 2.50 -22.20
C THR A 137 -12.03 1.97 -23.20
N PRO A 138 -11.58 1.41 -24.34
CA PRO A 138 -12.50 0.73 -25.23
C PRO A 138 -13.34 -0.27 -24.41
N ILE A 139 -14.67 -0.30 -24.66
CA ILE A 139 -15.66 -1.09 -23.87
C ILE A 139 -15.26 -2.58 -23.90
N GLU A 140 -14.77 -3.10 -25.03
CA GLU A 140 -14.30 -4.52 -25.14
C GLU A 140 -13.11 -4.74 -24.18
N LYS A 141 -12.16 -3.80 -24.14
CA LYS A 141 -11.05 -3.83 -23.16
C LYS A 141 -11.60 -3.75 -21.73
N GLN A 142 -12.62 -2.91 -21.45
CA GLN A 142 -13.26 -2.83 -20.11
C GLN A 142 -13.69 -4.25 -19.67
N PHE A 143 -14.22 -5.06 -20.59
CA PHE A 143 -14.69 -6.42 -20.22
C PHE A 143 -13.48 -7.30 -19.91
N GLU A 144 -12.38 -7.20 -20.66
CA GLU A 144 -11.16 -8.00 -20.38
C GLU A 144 -10.57 -7.62 -19.01
N ILE A 145 -10.51 -6.32 -18.67
CA ILE A 145 -9.96 -5.87 -17.38
C ILE A 145 -10.93 -6.35 -16.30
N ASN A 146 -12.24 -6.29 -16.55
CA ASN A 146 -13.23 -6.68 -15.50
C ASN A 146 -13.02 -8.14 -15.13
N GLU A 147 -12.74 -9.00 -16.13
CA GLU A 147 -12.45 -10.44 -15.92
C GLU A 147 -11.13 -10.52 -15.15
N LEU A 148 -10.12 -9.71 -15.47
CA LEU A 148 -8.85 -9.75 -14.69
C LEU A 148 -9.18 -9.34 -13.24
N LEU A 149 -9.95 -8.28 -13.02
CA LEU A 149 -10.21 -7.78 -11.65
C LEU A 149 -10.97 -8.84 -10.84
N LYS A 150 -11.75 -9.68 -11.49
CA LYS A 150 -12.42 -10.85 -10.85
C LYS A 150 -11.39 -11.86 -10.31
N ILE A 151 -10.36 -12.15 -11.08
CA ILE A 151 -9.26 -13.02 -10.57
C ILE A 151 -8.72 -12.38 -9.28
N TYR A 152 -8.45 -11.07 -9.25
CA TYR A 152 -7.86 -10.47 -8.01
C TYR A 152 -8.88 -10.55 -6.88
N GLU A 153 -10.18 -10.45 -7.17
CA GLU A 153 -11.20 -10.53 -6.09
C GLU A 153 -11.26 -11.96 -5.54
N ASN A 154 -11.05 -12.96 -6.40
CA ASN A 154 -10.98 -14.37 -5.96
C ASN A 154 -9.75 -14.57 -5.06
N ILE A 155 -8.67 -13.81 -5.26
CA ILE A 155 -7.46 -13.86 -4.40
C ILE A 155 -7.76 -13.22 -3.06
N GLY A 156 -8.68 -12.24 -2.98
CA GLY A 156 -9.07 -11.60 -1.71
C GLY A 156 -9.04 -10.08 -1.73
N TYR A 157 -8.70 -9.44 -2.85
CA TYR A 157 -8.58 -7.97 -2.91
C TYR A 157 -9.93 -7.33 -3.22
N GLU A 158 -10.22 -6.20 -2.58
CA GLU A 158 -11.25 -5.27 -3.11
C GLU A 158 -10.69 -4.64 -4.39
N THR A 159 -11.52 -4.49 -5.40
CA THR A 159 -11.13 -3.81 -6.66
C THR A 159 -12.21 -2.81 -7.07
N GLU A 160 -11.79 -1.72 -7.66
CA GLU A 160 -12.67 -0.71 -8.31
C GLU A 160 -12.03 -0.36 -9.66
N PHE A 161 -12.89 -0.03 -10.62
CA PHE A 161 -12.59 0.43 -12.00
C PHE A 161 -13.40 1.71 -12.23
N ILE A 162 -12.72 2.84 -12.28
CA ILE A 162 -13.38 4.16 -12.23
C ILE A 162 -12.93 5.01 -13.42
N GLY A 163 -13.75 6.00 -13.77
CA GLY A 163 -13.37 7.05 -14.72
C GLY A 163 -13.88 8.41 -14.29
N ASN A 164 -13.83 9.37 -15.20
CA ASN A 164 -14.31 10.76 -15.02
C ASN A 164 -15.82 10.80 -14.66
N ASP A 165 -16.64 9.84 -15.06
CA ASP A 165 -18.09 9.87 -14.70
C ASP A 165 -18.33 9.55 -13.21
N ASP A 166 -17.31 9.10 -12.45
CA ASP A 166 -17.44 8.62 -11.04
C ASP A 166 -17.08 9.72 -10.02
N ASP A 167 -17.77 9.74 -8.86
CA ASP A 167 -17.49 10.72 -7.78
C ASP A 167 -16.29 10.22 -6.95
N ARG A 168 -15.14 10.85 -7.15
CA ARG A 168 -13.84 10.45 -6.58
C ARG A 168 -13.85 10.63 -5.06
N LYS A 169 -14.54 11.64 -4.56
CA LYS A 169 -14.76 11.85 -3.11
C LYS A 169 -15.65 10.75 -2.53
N LYS A 170 -16.75 10.37 -3.19
CA LYS A 170 -17.63 9.31 -2.64
C LYS A 170 -16.74 8.07 -2.49
N ILE A 171 -15.84 7.86 -3.45
CA ILE A 171 -15.02 6.61 -3.57
C ILE A 171 -14.08 6.55 -2.37
N VAL A 172 -13.37 7.64 -2.10
CA VAL A 172 -12.39 7.72 -0.98
C VAL A 172 -13.08 7.54 0.37
N GLU A 173 -14.31 8.00 0.53
CA GLU A 173 -14.97 8.05 1.87
C GLU A 173 -15.63 6.70 2.14
N ALA A 174 -15.84 5.88 1.10
CA ALA A 174 -16.21 4.46 1.24
C ALA A 174 -15.00 3.59 1.62
N TRP A 175 -13.77 4.09 1.55
CA TRP A 175 -12.57 3.24 1.77
C TRP A 175 -12.51 2.89 3.25
N PRO A 176 -11.77 1.86 3.68
CA PRO A 176 -11.71 1.56 5.11
C PRO A 176 -11.15 2.76 5.88
N ALA A 177 -11.53 2.90 7.15
CA ALA A 177 -11.13 3.93 8.13
C ALA A 177 -9.61 3.89 8.31
N GLY A 178 -9.03 5.06 8.57
CA GLY A 178 -7.60 5.20 8.93
C GLY A 178 -6.79 5.84 7.83
N LEU A 179 -5.47 5.56 7.84
CA LEU A 179 -4.51 6.07 6.87
C LEU A 179 -4.54 5.26 5.57
N ILE A 180 -4.99 5.93 4.51
CA ILE A 180 -4.92 5.52 3.07
C ILE A 180 -3.67 6.14 2.46
N VAL A 181 -2.86 5.31 1.83
CA VAL A 181 -1.72 5.76 0.98
C VAL A 181 -1.96 5.23 -0.45
N LEU A 182 -2.02 6.16 -1.40
CA LEU A 182 -2.05 5.92 -2.87
C LEU A 182 -0.64 5.62 -3.33
N SER A 183 -0.39 4.47 -3.94
CA SER A 183 0.89 4.10 -4.56
C SER A 183 0.63 3.78 -6.04
N GLY A 184 1.42 4.35 -6.94
CA GLY A 184 1.41 4.02 -8.37
C GLY A 184 2.19 5.04 -9.18
N GLN A 185 2.42 4.75 -10.43
CA GLN A 185 3.23 5.63 -11.29
C GLN A 185 2.61 7.01 -11.43
N SER A 186 3.45 8.01 -11.70
CA SER A 186 3.01 9.37 -12.10
C SER A 186 2.17 9.18 -13.36
N GLY A 187 1.03 9.84 -13.44
CA GLY A 187 0.17 9.84 -14.62
C GLY A 187 -0.97 8.84 -14.53
N VAL A 188 -1.01 7.99 -13.50
CA VAL A 188 -2.06 6.96 -13.37
C VAL A 188 -3.31 7.64 -12.85
N GLY A 189 -3.19 8.74 -12.12
CA GLY A 189 -4.39 9.45 -11.64
C GLY A 189 -4.49 9.52 -10.13
N LYS A 190 -3.37 9.79 -9.44
CA LYS A 190 -3.41 9.89 -7.96
C LYS A 190 -3.84 11.30 -7.55
N SER A 191 -3.29 12.33 -8.18
CA SER A 191 -3.59 13.70 -7.85
C SER A 191 -5.02 14.07 -8.03
N THR A 192 -5.65 13.47 -9.03
CA THR A 192 -7.09 13.71 -9.28
C THR A 192 -7.91 13.36 -8.03
N PHE A 193 -7.52 12.31 -7.31
CA PHE A 193 -8.16 11.96 -6.00
C PHE A 193 -7.68 12.95 -4.95
N LEU A 194 -6.38 13.18 -4.88
CA LEU A 194 -5.75 13.86 -3.70
C LEU A 194 -6.17 15.35 -3.59
N ASN A 195 -6.20 16.07 -4.72
CA ASN A 195 -6.68 17.49 -4.83
C ASN A 195 -8.03 17.69 -4.11
N HIS A 196 -8.89 16.68 -4.01
CA HIS A 196 -10.14 16.81 -3.18
C HIS A 196 -9.78 17.04 -1.69
N TYR A 197 -8.52 16.87 -1.25
CA TYR A 197 -8.19 16.92 0.20
C TYR A 197 -7.12 17.97 0.52
N ARG A 198 -6.68 18.72 -0.49
CA ARG A 198 -5.59 19.70 -0.37
C ARG A 198 -6.15 20.96 0.26
N PRO A 199 -5.73 21.33 1.48
CA PRO A 199 -6.21 22.56 2.12
C PRO A 199 -5.80 23.78 1.28
N GLU A 200 -4.61 23.76 0.67
CA GLU A 200 -4.13 24.90 -0.17
C GLU A 200 -5.16 25.30 -1.24
N LEU A 201 -6.10 24.41 -1.57
CA LEU A 201 -7.15 24.66 -2.61
C LEU A 201 -8.30 25.43 -1.95
N HIS A 221 9.62 13.88 2.84
CA HIS A 221 8.66 14.88 2.46
C HIS A 221 7.30 14.26 2.22
N VAL A 222 6.48 14.12 3.27
CA VAL A 222 5.15 13.53 3.18
C VAL A 222 4.22 14.19 4.20
N GLU A 223 3.05 14.61 3.77
CA GLU A 223 2.00 15.19 4.67
C GLU A 223 0.72 14.34 4.57
N LEU A 224 0.00 14.16 5.68
CA LEU A 224 -1.33 13.49 5.73
C LEU A 224 -2.41 14.56 5.78
N PHE A 225 -3.43 14.40 4.93
CA PHE A 225 -4.64 15.25 4.86
C PHE A 225 -5.79 14.50 5.48
N GLU A 226 -6.66 15.22 6.16
CA GLU A 226 -7.82 14.62 6.83
C GLU A 226 -8.80 14.22 5.75
N ARG A 227 -9.47 13.09 6.00
CA ARG A 227 -10.79 12.78 5.39
C ARG A 227 -11.69 12.38 6.55
N GLN A 228 -12.98 12.25 6.29
CA GLN A 228 -14.02 11.89 7.30
C GLN A 228 -13.51 10.77 8.23
N ASN A 229 -13.11 9.61 7.73
CA ASN A 229 -12.83 8.44 8.61
C ASN A 229 -11.33 8.23 8.81
N GLY A 230 -10.48 9.25 8.64
CA GLY A 230 -9.03 9.06 8.81
C GLY A 230 -8.22 10.09 8.04
N TYR A 231 -7.29 9.60 7.22
CA TYR A 231 -6.27 10.43 6.54
C TYR A 231 -6.07 9.84 5.15
N ILE A 232 -5.50 10.64 4.24
CA ILE A 232 -5.00 10.24 2.89
C ILE A 232 -3.69 11.00 2.63
N ALA A 233 -2.69 10.35 2.05
CA ALA A 233 -1.28 10.83 2.09
C ALA A 233 -0.88 11.49 0.76
N ASP A 234 -0.39 12.75 0.92
CA ASP A 234 0.32 13.66 -0.03
C ASP A 234 1.07 12.93 -1.14
N THR A 235 1.67 11.78 -0.86
CA THR A 235 2.75 11.17 -1.68
C THR A 235 2.23 9.80 -2.11
N PRO A 236 2.95 9.03 -2.94
CA PRO A 236 2.64 7.64 -3.15
C PRO A 236 3.58 6.85 -2.23
N GLY A 237 3.45 5.54 -2.20
CA GLY A 237 4.27 4.68 -1.42
C GLY A 237 5.51 4.17 -2.13
N PHE A 238 5.36 3.69 -3.36
CA PHE A 238 6.50 3.16 -4.13
C PHE A 238 6.36 3.10 -5.64
N SER A 239 7.30 2.32 -6.21
CA SER A 239 7.56 1.98 -7.63
C SER A 239 8.93 1.36 -7.91
N ALA A 240 9.91 1.61 -7.06
CA ALA A 240 11.30 1.23 -7.33
C ALA A 240 11.88 -0.12 -6.94
N LEU A 241 13.23 -0.12 -6.87
CA LEU A 241 13.96 -1.27 -6.26
C LEU A 241 13.63 -1.32 -4.75
N ASP A 242 12.34 -1.42 -4.46
CA ASP A 242 11.82 -1.94 -3.17
C ASP A 242 11.88 -3.48 -3.23
N PHE A 243 12.63 -4.08 -4.17
CA PHE A 243 12.89 -5.55 -4.09
C PHE A 243 14.14 -5.88 -3.25
N ASP A 244 14.97 -4.91 -2.87
CA ASP A 244 16.31 -5.20 -2.23
C ASP A 244 16.17 -6.00 -0.94
N HIS A 245 15.12 -5.75 -0.15
CA HIS A 245 14.89 -6.37 1.19
C HIS A 245 14.21 -7.72 1.08
N ILE A 246 13.82 -8.16 -0.12
CA ILE A 246 12.97 -9.39 -0.22
C ILE A 246 13.87 -10.59 -0.49
N ASP A 247 13.73 -11.62 0.34
CA ASP A 247 14.34 -12.95 0.10
C ASP A 247 13.49 -13.76 -0.88
N LYS A 248 14.12 -14.49 -1.79
CA LYS A 248 13.41 -15.33 -2.79
C LYS A 248 12.43 -16.27 -2.10
N ASP A 249 12.68 -16.58 -0.84
CA ASP A 249 11.86 -17.56 -0.09
C ASP A 249 10.56 -16.91 0.39
N GLU A 250 10.54 -15.59 0.46
CA GLU A 250 9.37 -14.81 0.96
C GLU A 250 8.40 -14.52 -0.19
N ILE A 251 8.85 -14.61 -1.45
CA ILE A 251 8.03 -14.18 -2.62
C ILE A 251 6.69 -14.94 -2.63
N LYS A 252 6.69 -16.25 -2.41
CA LYS A 252 5.46 -17.07 -2.34
C LYS A 252 4.50 -16.55 -1.24
N ASP A 253 4.99 -15.98 -0.15
CA ASP A 253 4.09 -15.46 0.94
C ASP A 253 3.25 -14.28 0.42
N TYR A 254 3.72 -13.57 -0.59
CA TYR A 254 3.10 -12.29 -1.04
C TYR A 254 2.27 -12.48 -2.32
N PHE A 255 2.18 -13.72 -2.82
CA PHE A 255 1.14 -14.20 -3.76
C PHE A 255 0.08 -14.90 -2.91
N LEU A 256 -0.98 -14.19 -2.49
CA LEU A 256 -1.85 -14.66 -1.37
C LEU A 256 -2.48 -16.02 -1.72
N GLU A 257 -2.84 -16.28 -2.98
CA GLU A 257 -3.49 -17.57 -3.33
C GLU A 257 -2.42 -18.66 -3.33
N LEU A 258 -1.18 -18.40 -3.75
CA LEU A 258 -0.10 -19.45 -3.59
C LEU A 258 0.14 -19.78 -2.10
N ASN A 259 0.14 -18.76 -1.24
CA ASN A 259 0.40 -18.87 0.22
C ASN A 259 -0.71 -19.74 0.81
N ARG A 260 -1.96 -19.48 0.41
CA ARG A 260 -3.15 -20.17 0.94
C ARG A 260 -3.15 -21.64 0.47
N TYR A 261 -2.97 -21.92 -0.82
CA TYR A 261 -2.91 -23.30 -1.37
C TYR A 261 -1.64 -24.05 -0.97
N GLY A 262 -0.53 -23.36 -0.71
CA GLY A 262 0.73 -23.99 -0.25
C GLY A 262 0.63 -24.64 1.13
N GLU A 263 -0.39 -24.30 1.91
CA GLU A 263 -0.75 -24.94 3.20
C GLU A 263 -0.79 -26.48 3.07
N THR A 264 -1.19 -27.04 1.93
CA THR A 264 -1.34 -28.51 1.77
C THR A 264 -0.30 -29.08 0.80
N CYS A 265 0.73 -28.31 0.40
CA CYS A 265 1.90 -28.90 -0.30
C CYS A 265 2.57 -29.86 0.70
N LYS A 266 3.19 -30.95 0.24
CA LYS A 266 3.90 -31.88 1.16
C LYS A 266 4.91 -31.08 2.00
N PHE A 267 5.82 -30.38 1.36
CA PHE A 267 6.94 -29.64 2.00
C PHE A 267 6.40 -28.32 2.57
N ARG A 268 6.73 -28.06 3.84
CA ARG A 268 6.34 -26.86 4.63
C ARG A 268 6.92 -25.56 4.02
N ASN A 269 8.05 -25.64 3.33
CA ASN A 269 8.67 -24.50 2.62
C ASN A 269 8.71 -24.77 1.12
N CYS A 270 7.77 -25.58 0.58
CA CYS A 270 7.64 -25.80 -0.89
C CYS A 270 7.63 -24.45 -1.67
N ASN A 271 8.55 -24.31 -2.64
CA ASN A 271 8.65 -23.10 -3.49
C ASN A 271 7.74 -23.25 -4.71
N HIS A 272 7.02 -24.38 -4.80
CA HIS A 272 6.09 -24.73 -5.89
C HIS A 272 6.80 -24.53 -7.23
N ILE A 273 8.03 -24.99 -7.37
CA ILE A 273 8.75 -24.94 -8.68
C ILE A 273 8.96 -26.39 -9.16
N LYS A 274 9.93 -27.13 -8.62
CA LYS A 274 10.23 -28.52 -9.09
C LYS A 274 9.70 -29.55 -8.07
N GLU A 275 9.35 -29.14 -6.86
CA GLU A 275 8.93 -30.03 -5.74
C GLU A 275 7.80 -30.94 -6.19
N PRO A 276 7.82 -32.23 -5.79
CA PRO A 276 6.69 -33.13 -5.98
C PRO A 276 5.60 -32.88 -4.93
N ASN A 277 4.44 -33.46 -5.12
CA ASN A 277 3.27 -33.34 -4.21
C ASN A 277 3.01 -31.85 -3.91
N CYS A 278 2.98 -31.02 -4.94
CA CYS A 278 2.80 -29.54 -4.78
C CYS A 278 1.32 -29.16 -4.94
N ASN A 279 0.70 -28.61 -3.91
CA ASN A 279 -0.76 -28.29 -4.03
C ASN A 279 -1.02 -27.06 -4.94
N VAL A 280 -0.10 -26.11 -5.02
CA VAL A 280 -0.13 -24.92 -5.94
C VAL A 280 -0.14 -25.42 -7.40
N LYS A 281 0.76 -26.34 -7.75
CA LYS A 281 0.80 -26.84 -9.16
C LYS A 281 -0.49 -27.62 -9.48
N HIS A 282 -1.08 -28.31 -8.52
CA HIS A 282 -2.38 -29.02 -8.67
C HIS A 282 -3.52 -28.03 -8.90
N GLN A 283 -3.61 -27.00 -8.06
CA GLN A 283 -4.66 -25.95 -8.14
C GLN A 283 -4.48 -25.19 -9.44
N LEU A 284 -3.24 -24.97 -9.87
CA LEU A 284 -3.00 -24.41 -11.22
C LEU A 284 -3.69 -25.31 -12.25
N GLU A 285 -3.34 -26.60 -12.24
CA GLU A 285 -3.77 -27.60 -13.24
C GLU A 285 -5.31 -27.57 -13.34
N ILE A 286 -6.04 -27.60 -12.22
CA ILE A 286 -7.53 -27.64 -12.22
C ILE A 286 -8.12 -26.21 -12.25
N GLY A 287 -7.30 -25.19 -12.48
CA GLY A 287 -7.75 -23.85 -12.92
C GLY A 287 -8.19 -22.95 -11.79
N ASN A 288 -7.72 -23.17 -10.56
CA ASN A 288 -8.05 -22.32 -9.37
C ASN A 288 -6.96 -21.28 -9.09
N ILE A 289 -5.82 -21.37 -9.76
CA ILE A 289 -4.75 -20.34 -9.76
C ILE A 289 -4.59 -19.93 -11.21
N ALA A 290 -4.55 -18.62 -11.49
CA ALA A 290 -4.44 -18.11 -12.87
C ALA A 290 -2.99 -18.28 -13.34
N GLN A 291 -2.82 -18.64 -14.61
CA GLN A 291 -1.50 -18.94 -15.19
C GLN A 291 -0.62 -17.71 -15.07
N PHE A 292 -1.16 -16.51 -15.34
CA PHE A 292 -0.34 -15.29 -15.36
C PHE A 292 0.24 -15.07 -13.95
N ARG A 293 -0.50 -15.45 -12.91
CA ARG A 293 -0.09 -15.27 -11.50
C ARG A 293 1.09 -16.19 -11.24
N TYR A 294 0.93 -17.45 -11.65
CA TYR A 294 2.00 -18.48 -11.49
C TYR A 294 3.23 -18.03 -12.29
N ASP A 295 3.04 -17.56 -13.51
CA ASP A 295 4.17 -17.17 -14.40
C ASP A 295 4.89 -15.95 -13.82
N HIS A 296 4.19 -15.01 -13.21
CA HIS A 296 4.80 -13.80 -12.59
C HIS A 296 5.53 -14.23 -11.31
N TYR A 297 4.97 -15.18 -10.56
CA TYR A 297 5.65 -15.70 -9.35
C TYR A 297 7.02 -16.26 -9.77
N LEU A 298 7.00 -17.12 -10.78
CA LEU A 298 8.19 -17.78 -11.35
C LEU A 298 9.19 -16.73 -11.83
N GLN A 299 8.76 -15.75 -12.63
CA GLN A 299 9.70 -14.70 -13.13
C GLN A 299 10.28 -13.99 -11.91
N LEU A 300 9.47 -13.63 -10.91
CA LEU A 300 10.02 -12.82 -9.80
C LEU A 300 10.96 -13.69 -8.96
N PHE A 301 10.58 -14.96 -8.75
CA PHE A 301 11.41 -15.92 -8.00
C PHE A 301 12.75 -15.95 -8.73
N ASN A 302 12.75 -16.05 -10.06
CA ASN A 302 14.01 -16.16 -10.84
C ASN A 302 14.75 -14.81 -10.78
N GLU A 303 14.04 -13.67 -10.89
CA GLU A 303 14.63 -12.30 -10.93
C GLU A 303 15.17 -11.83 -9.57
N ILE A 304 14.42 -12.00 -8.48
CA ILE A 304 14.70 -11.32 -7.18
C ILE A 304 15.97 -11.94 -6.60
N SER A 305 16.24 -13.20 -6.94
CA SER A 305 17.51 -13.92 -6.69
C SER A 305 18.70 -13.05 -7.13
N ASN A 306 18.64 -12.54 -8.37
CA ASN A 306 19.81 -12.08 -9.16
C ASN A 306 20.48 -10.84 -8.56
N ARG A 307 21.78 -10.71 -8.84
CA ARG A 307 22.60 -9.52 -8.54
C ARG A 307 22.19 -8.35 -9.44
N LYS A 308 22.27 -7.13 -8.91
CA LYS A 308 21.74 -5.88 -9.53
C LYS A 308 22.87 -5.15 -10.28
#